data_4DSK
#
_entry.id   4DSK
#
_cell.length_a   86.692
_cell.length_b   93.339
_cell.length_c   106.363
_cell.angle_alpha   90.00
_cell.angle_beta   90.00
_cell.angle_gamma   90.00
#
_symmetry.space_group_name_H-M   'P 21 21 21'
#
loop_
_entity.id
_entity.type
_entity.pdbx_description
1 polymer "DNA (5'-D(*GP*GP*CP*TP*AP*CP*AP*GP*GP*AP*CP*TP*CP*G)-3')"
2 polymer "DNA (5'-D(*TP*CP*AP*CP*GP*AP*GP*TP*CP*CP*TP*GP*TP*AP*GP*CP*C)-3')"
3 polymer 'DNA polymerase'
4 non-polymer 'CALCIUM ION'
5 non-polymer 'PYROPHOSPHATE 2-'
6 water water
#
loop_
_entity_poly.entity_id
_entity_poly.type
_entity_poly.pdbx_seq_one_letter_code
_entity_poly.pdbx_strand_id
1 'polydeoxyribonucleotide' (DG)(DG)(DC)(DT)(DA)(DC)(DA)(DG)(DG)(DA)(DC)(DT)(DC)(DG) B
2 'polydeoxyribonucleotide' (DT)(DC)(DA)(DC)(DG)(DA)(DG)(DT)(DC)(DC)(DT)(DG)(DT)(DA)(DG)(DC)(DC) C
3 'polypeptide(L)'
;KMAFTLADRVTEEMLADKAALVVEVVEENYHDAPIVGIAVVNEHGRFFLRPETALADPQFVAWLGDETKKKSMFDSKRAA
VALKWKGIELCGVSFDLLLAAYLLDPAQGVDDVAAAAKMKQYEAVRPDEAVYGKGAKRAVPDEPVLAEHLVRKAAAIWEL
ERPFLDELRRNEQDRLLVELEQPLSSILAEMEFAGVKVDTKRLEQMGKELAEQLGTVEQRIYELAGQEFNINSPKQLGVI
LFEKLQLPVLKKTKTGYSTSADVLEKLAPYHEIVENILHYRQLGKLQSTYIEGLLKVVRPDTKKVHTIFNQALTQTGRLS
STEPNLQNIPIRLEEGRKIRQAFVPSESDWLIFAADYSQIELRVLAHIAEDDNLMEAFRRDLDIHTKTAMDIFQVSEDEV
TPNMRRQAKAVNFGIVYGISDYGLAQNLNISRKEAAEFIERYFESFPGVKRYMENIVQEAKQKGYVTTLLHRRRYLPDIT
SRNFNVRSFAERMAMNTPIQGSAADIIKKAMIDLNARLKEERLQAHLLLQVHDELILEAPKEEMERLCRLVPEVMEQAVT
LRVPLKVDYHYGSTWYDAK
;
A
#
loop_
_chem_comp.id
_chem_comp.type
_chem_comp.name
_chem_comp.formula
CA non-polymer 'CALCIUM ION' 'Ca 2'
DA DNA linking 2'-DEOXYADENOSINE-5'-MONOPHOSPHATE 'C10 H14 N5 O6 P'
DC DNA linking 2'-DEOXYCYTIDINE-5'-MONOPHOSPHATE 'C9 H14 N3 O7 P'
DG DNA linking 2'-DEOXYGUANOSINE-5'-MONOPHOSPHATE 'C10 H14 N5 O7 P'
DT DNA linking THYMIDINE-5'-MONOPHOSPHATE 'C10 H15 N2 O8 P'
POP non-polymer 'PYROPHOSPHATE 2-' 'H2 O7 P2 -2'
#
# COMPACT_ATOMS: atom_id res chain seq x y z
N LYS C 1 6.72 33.35 20.57
CA LYS C 1 7.51 33.31 21.86
C LYS C 1 8.60 32.22 22.00
N MET C 2 8.77 31.32 21.03
CA MET C 2 9.85 30.31 21.22
C MET C 2 11.23 30.84 20.81
N ALA C 3 12.17 30.75 21.75
CA ALA C 3 13.53 31.23 21.57
C ALA C 3 14.38 30.27 20.74
N PHE C 4 15.13 30.82 19.78
CA PHE C 4 16.13 30.08 19.00
C PHE C 4 17.16 31.02 18.39
N THR C 5 18.21 30.44 17.83
CA THR C 5 19.19 31.21 17.09
C THR C 5 18.86 31.02 15.62
N LEU C 6 18.61 32.13 14.94
CA LEU C 6 18.57 32.15 13.50
C LEU C 6 20.01 32.25 13.06
N ALA C 7 20.68 31.11 12.98
CA ALA C 7 22.12 31.08 12.71
C ALA C 7 22.43 31.52 11.30
N ASP C 8 23.58 32.13 11.08
CA ASP C 8 23.89 32.43 9.70
C ASP C 8 25.11 31.64 9.18
N ARG C 9 25.80 30.96 10.10
CA ARG C 9 26.80 29.94 9.75
C ARG C 9 26.58 28.72 10.64
N VAL C 10 27.06 27.56 10.23
CA VAL C 10 26.94 26.32 11.01
C VAL C 10 28.01 26.29 12.09
N THR C 11 27.65 26.00 13.34
CA THR C 11 28.63 25.88 14.43
C THR C 11 28.60 24.48 15.06
N GLU C 12 29.65 24.13 15.82
CA GLU C 12 29.86 22.79 16.36
C GLU C 12 28.77 22.37 17.35
N GLU C 13 28.33 23.32 18.18
CA GLU C 13 27.23 23.02 19.11
C GLU C 13 25.92 22.58 18.38
N MET C 14 25.79 22.88 17.07
CA MET C 14 24.71 22.33 16.25
C MET C 14 24.93 20.88 15.81
N LEU C 15 26.06 20.28 16.16
CA LEU C 15 26.42 18.95 15.66
C LEU C 15 26.58 17.92 16.76
N ALA C 16 25.78 18.10 17.80
CA ALA C 16 25.67 17.17 18.93
C ALA C 16 25.33 15.79 18.45
N ASP C 17 25.64 14.76 19.23
CA ASP C 17 25.33 13.44 18.77
C ASP C 17 23.89 12.94 19.06
N LYS C 18 22.99 13.88 19.42
CA LYS C 18 21.56 13.60 19.50
C LYS C 18 20.79 14.89 19.29
N ALA C 19 19.86 14.89 18.33
CA ALA C 19 19.14 16.08 18.05
C ALA C 19 17.80 15.69 17.45
N ALA C 20 16.84 16.59 17.52
CA ALA C 20 15.67 16.51 16.73
C ALA C 20 16.05 17.33 15.49
N LEU C 21 15.67 16.86 14.30
CA LEU C 21 16.07 17.52 13.07
C LEU C 21 14.84 17.70 12.19
N VAL C 22 14.70 18.88 11.58
CA VAL C 22 13.59 19.15 10.66
C VAL C 22 14.25 19.59 9.38
N VAL C 23 13.90 18.93 8.28
CA VAL C 23 14.45 19.25 7.00
C VAL C 23 13.24 19.40 6.12
N GLU C 24 12.81 20.63 5.92
CA GLU C 24 11.47 20.86 5.50
C GLU C 24 11.32 20.96 4.00
N VAL C 25 10.45 20.11 3.48
CA VAL C 25 10.08 20.16 2.08
C VAL C 25 8.59 20.41 2.03
N VAL C 26 8.19 21.53 1.44
CA VAL C 26 6.78 21.96 1.50
C VAL C 26 5.89 21.39 0.36
N GLU C 27 6.43 21.30 -0.85
CA GLU C 27 5.76 20.53 -1.91
C GLU C 27 5.30 19.15 -1.45
N GLU C 28 4.06 18.77 -1.79
CA GLU C 28 3.53 17.45 -1.40
C GLU C 28 4.32 16.31 -2.07
N ASN C 29 4.63 16.43 -3.36
CA ASN C 29 5.56 15.51 -4.00
C ASN C 29 6.99 15.98 -3.73
N TYR C 30 7.73 15.24 -2.91
CA TYR C 30 9.07 15.69 -2.56
C TYR C 30 10.22 15.32 -3.52
N HIS C 31 9.91 14.69 -4.65
CA HIS C 31 11.00 14.18 -5.54
C HIS C 31 11.62 15.39 -6.24
N ASP C 32 12.94 15.56 -6.06
CA ASP C 32 13.68 16.69 -6.59
C ASP C 32 13.06 18.04 -6.14
N ALA C 33 12.59 18.15 -4.89
CA ALA C 33 11.85 19.34 -4.49
C ALA C 33 12.74 20.16 -3.59
N PRO C 34 12.48 21.48 -3.47
CA PRO C 34 13.39 22.28 -2.63
C PRO C 34 13.21 21.98 -1.16
N ILE C 35 14.30 22.08 -0.44
CA ILE C 35 14.35 22.11 0.99
C ILE C 35 14.30 23.60 1.41
N VAL C 36 13.30 23.98 2.21
CA VAL C 36 13.06 25.42 2.46
C VAL C 36 13.69 25.93 3.76
N GLY C 37 14.00 25.05 4.69
CA GLY C 37 14.60 25.50 5.94
C GLY C 37 14.98 24.27 6.70
N ILE C 38 15.79 24.43 7.73
CA ILE C 38 16.30 23.36 8.56
C ILE C 38 16.24 23.85 10.02
N ALA C 39 15.76 23.02 10.94
CA ALA C 39 15.82 23.36 12.35
C ALA C 39 16.45 22.21 13.05
N VAL C 40 17.26 22.53 14.04
CA VAL C 40 17.89 21.58 14.89
C VAL C 40 17.58 21.99 16.33
N VAL C 41 17.16 21.03 17.15
CA VAL C 41 17.10 21.19 18.60
C VAL C 41 17.91 20.05 19.25
N ASN C 42 18.74 20.40 20.25
CA ASN C 42 19.60 19.46 20.96
C ASN C 42 19.89 20.00 22.37
N GLU C 43 20.87 19.41 23.07
CA GLU C 43 21.14 19.78 24.49
C GLU C 43 21.61 21.23 24.64
N HIS C 44 22.10 21.82 23.52
CA HIS C 44 22.67 23.15 23.52
C HIS C 44 21.68 24.25 23.15
N GLY C 45 20.54 23.87 22.59
CA GLY C 45 19.56 24.87 22.20
C GLY C 45 18.78 24.53 20.96
N ARG C 46 18.18 25.56 20.38
CA ARG C 46 17.35 25.47 19.19
C ARG C 46 18.00 26.32 18.09
N PHE C 47 18.03 25.80 16.85
CA PHE C 47 18.70 26.48 15.73
C PHE C 47 17.85 26.40 14.47
N PHE C 48 17.85 27.46 13.68
CA PHE C 48 17.29 27.41 12.37
C PHE C 48 18.43 27.76 11.43
N LEU C 49 18.53 27.05 10.31
CA LEU C 49 19.60 27.29 9.34
C LEU C 49 18.93 27.37 8.00
N ARG C 50 19.39 28.29 7.17
CA ARG C 50 18.94 28.36 5.80
C ARG C 50 19.60 27.21 5.04
N PRO C 51 18.89 26.62 4.08
CA PRO C 51 19.50 25.43 3.53
C PRO C 51 20.71 25.66 2.61
N GLU C 52 20.77 26.79 1.89
CA GLU C 52 21.96 27.08 1.02
C GLU C 52 23.25 27.20 1.81
N THR C 53 23.11 27.67 3.05
CA THR C 53 24.18 27.67 4.04
C THR C 53 24.51 26.27 4.57
N ALA C 54 23.53 25.64 5.20
CA ALA C 54 23.81 24.38 5.88
C ALA C 54 24.21 23.25 4.91
N LEU C 55 23.60 23.20 3.75
CA LEU C 55 23.85 22.10 2.84
C LEU C 55 25.12 22.28 2.01
N ALA C 56 25.63 23.50 1.98
CA ALA C 56 26.90 23.78 1.37
C ALA C 56 28.03 23.58 2.37
N ASP C 57 27.68 23.38 3.64
CA ASP C 57 28.68 23.22 4.70
C ASP C 57 29.12 21.76 4.90
N PRO C 58 30.43 21.46 4.67
CA PRO C 58 30.87 20.06 4.69
C PRO C 58 30.74 19.35 6.03
N GLN C 59 30.86 20.08 7.14
CA GLN C 59 30.72 19.47 8.47
C GLN C 59 29.26 19.07 8.78
N PHE C 60 28.33 19.97 8.45
CA PHE C 60 26.92 19.65 8.51
C PHE C 60 26.50 18.48 7.61
N VAL C 61 26.99 18.45 6.37
CA VAL C 61 26.77 17.29 5.50
C VAL C 61 27.32 15.98 6.13
N ALA C 62 28.53 16.06 6.70
CA ALA C 62 29.13 14.91 7.38
C ALA C 62 28.32 14.50 8.61
N TRP C 63 27.95 15.46 9.46
CA TRP C 63 27.01 15.13 10.57
C TRP C 63 25.70 14.45 10.04
N LEU C 64 25.11 14.96 8.95
CA LEU C 64 23.90 14.31 8.39
C LEU C 64 24.10 12.84 8.06
N GLY C 65 25.27 12.55 7.48
CA GLY C 65 25.58 11.20 7.05
C GLY C 65 26.27 10.34 8.10
N ASP C 66 26.43 10.86 9.31
CA ASP C 66 27.10 10.11 10.33
C ASP C 66 26.11 9.30 11.15
N GLU C 67 26.18 7.98 11.02
CA GLU C 67 25.16 7.11 11.65
C GLU C 67 25.24 7.04 13.18
N THR C 68 26.35 7.53 13.74
CA THR C 68 26.53 7.59 15.18
C THR C 68 26.02 8.93 15.71
N LYS C 69 25.64 9.85 14.83
CA LYS C 69 24.95 11.06 15.26
C LYS C 69 23.46 10.83 15.13
N LYS C 70 22.78 10.55 16.26
CA LYS C 70 21.36 10.15 16.23
C LYS C 70 20.41 11.34 16.05
N LYS C 71 19.47 11.21 15.12
CA LYS C 71 18.44 12.19 14.84
C LYS C 71 17.05 11.64 15.15
N SER C 72 16.25 12.47 15.79
CA SER C 72 14.83 12.26 15.85
C SER C 72 14.14 13.16 14.86
N MET C 73 13.20 12.57 14.11
CA MET C 73 12.52 13.27 13.01
C MET C 73 11.03 12.92 12.88
N PHE C 74 10.35 13.68 12.04
CA PHE C 74 9.03 13.30 11.55
C PHE C 74 9.08 13.06 10.06
N ASP C 75 8.63 11.90 9.61
CA ASP C 75 8.67 11.59 8.14
C ASP C 75 10.09 11.72 7.59
N SER C 76 11.02 11.00 8.21
CA SER C 76 12.38 11.02 7.75
C SER C 76 12.50 10.60 6.26
N LYS C 77 11.58 9.79 5.74
CA LYS C 77 11.68 9.34 4.31
C LYS C 77 11.59 10.52 3.36
N ARG C 78 10.75 11.49 3.70
CA ARG C 78 10.64 12.70 2.88
C ARG C 78 11.96 13.49 2.88
N ALA C 79 12.57 13.71 4.05
CA ALA C 79 13.84 14.43 4.11
C ALA C 79 14.90 13.60 3.36
N ALA C 80 14.92 12.30 3.61
CA ALA C 80 15.91 11.42 2.99
C ALA C 80 15.87 11.50 1.48
N VAL C 81 14.68 11.39 0.90
CA VAL C 81 14.62 11.38 -0.55
C VAL C 81 15.02 12.74 -1.11
N ALA C 82 14.48 13.82 -0.53
CA ALA C 82 14.82 15.15 -1.05
C ALA C 82 16.33 15.37 -0.93
N LEU C 83 16.95 14.80 0.09
CA LEU C 83 18.41 14.94 0.20
C LEU C 83 19.18 14.06 -0.83
N LYS C 84 18.77 12.80 -1.00
CA LYS C 84 19.27 11.97 -2.11
C LYS C 84 19.30 12.73 -3.45
N TRP C 85 18.25 13.51 -3.75
CA TRP C 85 18.20 14.20 -5.02
C TRP C 85 19.25 15.31 -5.12
N LYS C 86 19.73 15.81 -3.99
CA LYS C 86 20.89 16.72 -3.97
C LYS C 86 22.19 15.99 -3.76
N GLY C 87 22.19 14.66 -3.67
CA GLY C 87 23.41 13.86 -3.52
C GLY C 87 23.89 13.81 -2.08
N ILE C 88 22.98 14.01 -1.11
CA ILE C 88 23.34 14.01 0.29
C ILE C 88 22.69 12.83 1.00
N GLU C 89 23.48 12.15 1.82
CA GLU C 89 23.05 10.97 2.55
C GLU C 89 22.59 11.36 3.95
N LEU C 90 21.40 10.90 4.34
CA LEU C 90 20.91 11.07 5.70
C LEU C 90 21.07 9.77 6.45
N CYS C 91 21.78 9.75 7.55
CA CYS C 91 21.90 8.52 8.35
C CYS C 91 21.60 8.81 9.82
N GLY C 92 21.42 7.75 10.60
CA GLY C 92 21.43 7.88 12.05
C GLY C 92 20.07 8.29 12.60
N VAL C 93 19.01 8.11 11.80
CA VAL C 93 17.67 8.45 12.23
C VAL C 93 17.23 7.35 13.17
N SER C 94 17.24 7.63 14.48
CA SER C 94 16.89 6.61 15.45
C SER C 94 15.45 6.69 15.89
N PHE C 95 14.75 7.75 15.55
CA PHE C 95 13.35 7.87 15.94
C PHE C 95 12.60 8.66 14.92
N ASP C 96 11.54 8.07 14.39
CA ASP C 96 10.66 8.72 13.42
C ASP C 96 9.22 8.85 14.00
N LEU C 97 8.80 10.08 14.29
CA LEU C 97 7.58 10.33 15.04
C LEU C 97 6.38 9.95 14.20
N LEU C 98 6.47 10.09 12.88
CA LEU C 98 5.35 9.67 12.04
C LEU C 98 5.06 8.18 12.18
N LEU C 99 6.10 7.37 12.11
CA LEU C 99 5.94 5.94 12.19
C LEU C 99 5.57 5.51 13.62
N ALA C 100 6.00 6.28 14.62
CA ALA C 100 5.65 5.96 16.01
C ALA C 100 4.16 6.22 16.18
N ALA C 101 3.69 7.35 15.70
CA ALA C 101 2.26 7.67 15.83
C ALA C 101 1.40 6.61 15.10
N TYR C 102 1.84 6.20 13.89
CA TYR C 102 1.15 5.21 13.08
C TYR C 102 1.01 3.85 13.78
N LEU C 103 2.04 3.37 14.44
CA LEU C 103 1.95 2.11 15.17
C LEU C 103 1.05 2.28 16.41
N LEU C 104 1.11 3.43 17.06
CA LEU C 104 0.28 3.63 18.22
C LEU C 104 -1.21 3.67 17.81
N ASP C 105 -1.56 4.37 16.73
CA ASP C 105 -2.98 4.44 16.32
C ASP C 105 -3.12 4.78 14.86
N PRO C 106 -3.19 3.75 13.99
CA PRO C 106 -3.26 4.09 12.55
C PRO C 106 -4.51 4.89 12.20
N ALA C 107 -5.52 4.83 13.05
CA ALA C 107 -6.79 5.53 12.75
C ALA C 107 -6.69 7.03 12.96
N GLN C 108 -5.69 7.50 13.70
CA GLN C 108 -5.50 8.92 13.89
C GLN C 108 -5.32 9.67 12.58
N GLY C 109 -4.73 9.01 11.59
CA GLY C 109 -4.41 9.67 10.33
C GLY C 109 -3.33 10.72 10.47
N VAL C 110 -2.36 10.50 11.37
CA VAL C 110 -1.31 11.47 11.60
C VAL C 110 -0.49 11.78 10.33
N ASP C 111 -0.53 13.06 9.91
CA ASP C 111 0.15 13.50 8.68
C ASP C 111 1.11 14.69 8.89
N ASP C 112 1.11 15.24 10.11
CA ASP C 112 2.07 16.29 10.49
C ASP C 112 2.44 16.24 11.97
N VAL C 113 3.49 16.98 12.35
CA VAL C 113 3.92 16.99 13.77
C VAL C 113 2.76 17.37 14.77
N ALA C 114 1.97 18.35 14.40
CA ALA C 114 0.87 18.81 15.25
C ALA C 114 -0.17 17.71 15.52
N ALA C 115 -0.47 16.86 14.54
CA ALA C 115 -1.42 15.78 14.74
C ALA C 115 -0.84 14.71 15.65
N ALA C 116 0.44 14.38 15.43
CA ALA C 116 1.13 13.47 16.34
C ALA C 116 1.21 14.05 17.74
N ALA C 117 1.59 15.33 17.83
CA ALA C 117 1.66 16.01 19.18
C ALA C 117 0.35 15.99 19.96
N LYS C 118 -0.76 16.16 19.25
CA LYS C 118 -2.08 16.07 19.84
C LYS C 118 -2.30 14.80 20.69
N MET C 119 -1.79 13.65 20.23
CA MET C 119 -1.97 12.39 20.92
C MET C 119 -1.39 12.40 22.33
N LYS C 120 -0.39 13.24 22.60
CA LYS C 120 0.11 13.38 23.95
C LYS C 120 -0.28 14.75 24.54
N GLN C 121 -1.24 15.43 23.94
CA GLN C 121 -1.65 16.76 24.44
C GLN C 121 -0.56 17.84 24.51
N TYR C 122 0.37 17.82 23.58
CA TYR C 122 1.31 18.88 23.34
C TYR C 122 0.68 19.70 22.23
N GLU C 123 0.53 20.99 22.50
CA GLU C 123 -0.19 21.82 21.56
C GLU C 123 0.60 23.04 21.12
N ALA C 124 1.87 23.13 21.50
CA ALA C 124 2.71 24.30 21.21
C ALA C 124 3.38 24.26 19.83
N VAL C 125 2.66 23.75 18.85
CA VAL C 125 3.14 23.65 17.49
C VAL C 125 1.90 23.75 16.59
N ARG C 126 2.01 24.48 15.49
CA ARG C 126 0.87 24.63 14.59
C ARG C 126 0.79 23.50 13.55
N PRO C 127 -0.43 23.19 13.06
CA PRO C 127 -0.55 22.29 11.91
C PRO C 127 0.12 22.90 10.66
N ASP C 128 0.71 22.06 9.82
CA ASP C 128 1.25 22.52 8.55
C ASP C 128 0.24 23.29 7.66
N GLU C 129 -1.00 22.80 7.52
CA GLU C 129 -2.00 23.53 6.71
C GLU C 129 -2.17 24.99 7.16
N ALA C 130 -2.11 25.23 8.48
CA ALA C 130 -2.33 26.55 9.02
C ALA C 130 -1.20 27.44 8.61
N VAL C 131 0.01 26.89 8.56
CA VAL C 131 1.18 27.70 8.20
C VAL C 131 1.34 27.88 6.69
N TYR C 132 1.10 26.80 5.95
CA TYR C 132 1.38 26.71 4.52
C TYR C 132 0.16 26.95 3.61
N GLY C 133 -1.04 26.76 4.14
CA GLY C 133 -2.25 26.86 3.34
C GLY C 133 -2.69 25.53 2.77
N LYS C 134 -3.65 25.54 1.85
CA LYS C 134 -4.13 24.31 1.23
C LYS C 134 -3.52 23.99 -0.13
N GLY C 135 -4.27 24.29 -1.20
CA GLY C 135 -3.94 23.84 -2.53
C GLY C 135 -3.29 24.93 -3.34
N ALA C 136 -4.11 25.69 -4.06
CA ALA C 136 -3.55 26.81 -4.82
C ALA C 136 -2.80 27.70 -3.82
N LYS C 137 -3.37 27.89 -2.62
CA LYS C 137 -2.79 28.79 -1.62
C LYS C 137 -1.51 28.24 -0.96
N ARG C 138 -1.18 26.97 -1.17
CA ARG C 138 -0.05 26.36 -0.47
C ARG C 138 1.27 27.07 -0.80
N ALA C 139 1.79 27.83 0.17
CA ALA C 139 2.94 28.69 -0.06
C ALA C 139 3.87 28.73 1.15
N VAL C 140 5.17 28.79 0.89
CA VAL C 140 6.18 28.98 1.90
C VAL C 140 6.06 30.38 2.47
N PRO C 141 5.87 30.51 3.79
CA PRO C 141 5.75 31.87 4.35
C PRO C 141 7.10 32.54 4.49
N ASP C 142 7.09 33.80 4.93
CA ASP C 142 8.30 34.60 5.10
C ASP C 142 9.19 34.00 6.16
N GLU C 143 10.48 34.33 6.11
CA GLU C 143 11.44 33.70 6.98
C GLU C 143 11.06 33.69 8.47
N PRO C 144 10.62 34.82 9.02
CA PRO C 144 10.42 34.68 10.47
C PRO C 144 9.27 33.74 10.85
N VAL C 145 8.23 33.65 10.01
CA VAL C 145 7.14 32.72 10.25
C VAL C 145 7.64 31.27 10.02
N LEU C 146 8.39 31.08 8.94
CA LEU C 146 8.88 29.74 8.55
C LEU C 146 9.75 29.20 9.65
N ALA C 147 10.66 30.04 10.12
CA ALA C 147 11.70 29.61 11.05
C ALA C 147 11.13 29.23 12.41
N GLU C 148 10.14 29.99 12.86
CA GLU C 148 9.53 29.68 14.14
C GLU C 148 8.73 28.39 14.06
N HIS C 149 8.02 28.15 12.94
CA HIS C 149 7.29 26.91 12.76
C HIS C 149 8.22 25.71 12.75
N LEU C 150 9.34 25.78 12.05
CA LEU C 150 10.24 24.64 11.98
C LEU C 150 10.88 24.36 13.32
N VAL C 151 11.25 25.41 14.06
CA VAL C 151 11.88 25.23 15.37
C VAL C 151 10.85 24.60 16.37
N ARG C 152 9.60 25.04 16.31
CA ARG C 152 8.51 24.43 17.13
C ARG C 152 8.26 22.94 16.81
N LYS C 153 8.30 22.59 15.53
CA LYS C 153 8.21 21.18 15.14
C LYS C 153 9.39 20.37 15.73
N ALA C 154 10.60 20.86 15.52
CA ALA C 154 11.78 20.17 16.13
C ALA C 154 11.69 20.06 17.64
N ALA C 155 11.28 21.15 18.33
CA ALA C 155 11.08 21.12 19.80
C ALA C 155 10.02 20.11 20.21
N ALA C 156 8.91 20.03 19.44
CA ALA C 156 7.89 19.01 19.66
C ALA C 156 8.46 17.62 19.48
N ILE C 157 9.21 17.40 18.40
CA ILE C 157 9.85 16.07 18.23
C ILE C 157 10.76 15.69 19.40
N TRP C 158 11.59 16.64 19.83
CA TRP C 158 12.46 16.49 21.02
C TRP C 158 11.69 16.11 22.29
N GLU C 159 10.54 16.73 22.55
CA GLU C 159 9.75 16.39 23.76
C GLU C 159 8.98 15.11 23.64
N LEU C 160 8.47 14.84 22.45
CA LEU C 160 7.58 13.73 22.25
C LEU C 160 8.22 12.34 22.18
N GLU C 161 9.51 12.29 21.81
CA GLU C 161 10.16 11.00 21.59
C GLU C 161 9.96 10.06 22.79
N ARG C 162 10.29 10.53 23.99
CA ARG C 162 10.24 9.67 25.16
C ARG C 162 8.84 9.08 25.47
N PRO C 163 7.79 9.92 25.58
CA PRO C 163 6.48 9.27 25.82
C PRO C 163 6.01 8.35 24.71
N PHE C 164 6.30 8.70 23.47
CA PHE C 164 5.93 7.77 22.39
C PHE C 164 6.61 6.41 22.60
N LEU C 165 7.93 6.43 22.82
CA LEU C 165 8.69 5.23 23.10
C LEU C 165 8.16 4.48 24.32
N ASP C 166 7.83 5.18 25.39
CA ASP C 166 7.18 4.55 26.54
C ASP C 166 5.90 3.80 26.17
N GLU C 167 5.02 4.42 25.38
CA GLU C 167 3.81 3.74 24.99
C GLU C 167 4.13 2.57 24.04
N LEU C 168 4.96 2.79 23.01
CA LEU C 168 5.36 1.69 22.16
C LEU C 168 5.88 0.49 22.98
N ARG C 169 6.68 0.76 24.01
CA ARG C 169 7.18 -0.33 24.86
C ARG C 169 6.11 -1.07 25.67
N ARG C 170 5.15 -0.34 26.24
CA ARG C 170 4.03 -0.96 26.96
C ARG C 170 3.23 -1.78 25.99
N ASN C 171 3.05 -1.30 24.75
CA ASN C 171 2.36 -2.09 23.75
C ASN C 171 3.22 -3.25 23.18
N GLU C 172 4.49 -3.35 23.55
CA GLU C 172 5.38 -4.34 22.91
C GLU C 172 5.54 -4.09 21.42
N GLN C 173 5.61 -2.82 21.04
CA GLN C 173 5.77 -2.45 19.66
C GLN C 173 7.12 -1.75 19.44
N ASP C 174 7.98 -1.74 20.45
CA ASP C 174 9.27 -1.05 20.28
C ASP C 174 10.18 -1.66 19.18
N ARG C 175 10.33 -2.96 19.16
CA ARG C 175 11.02 -3.62 18.06
C ARG C 175 10.33 -3.41 16.70
N LEU C 176 9.02 -3.45 16.68
CA LEU C 176 8.32 -3.16 15.45
C LEU C 176 8.74 -1.82 14.82
N LEU C 177 8.87 -0.77 15.64
CA LEU C 177 9.35 0.51 15.11
C LEU C 177 10.86 0.44 14.74
N VAL C 178 11.67 -0.11 15.63
CA VAL C 178 13.13 0.01 15.51
C VAL C 178 13.75 -0.94 14.50
N GLU C 179 13.26 -2.18 14.49
CA GLU C 179 13.75 -3.27 13.65
C GLU C 179 12.93 -3.50 12.35
N LEU C 180 11.68 -2.99 12.30
CA LEU C 180 10.91 -3.17 11.07
C LEU C 180 10.60 -1.83 10.34
N GLU C 181 9.76 -0.98 10.92
CA GLU C 181 9.30 0.23 10.18
C GLU C 181 10.39 1.29 9.86
N GLN C 182 11.31 1.54 10.78
CA GLN C 182 12.39 2.51 10.49
C GLN C 182 13.37 2.02 9.41
N PRO C 183 13.91 0.77 9.53
CA PRO C 183 14.77 0.24 8.47
C PRO C 183 14.04 0.19 7.14
N LEU C 184 12.75 -0.16 7.16
CA LEU C 184 11.94 -0.26 5.93
C LEU C 184 11.85 1.10 5.24
N SER C 185 11.73 2.17 6.03
CA SER C 185 11.62 3.51 5.56
C SER C 185 12.86 3.92 4.73
N SER C 186 14.07 3.59 5.19
CA SER C 186 15.25 3.82 4.37
C SER C 186 15.21 3.02 3.07
N ILE C 187 14.62 1.82 3.08
CA ILE C 187 14.62 0.95 1.88
C ILE C 187 13.64 1.52 0.86
N LEU C 188 12.50 1.95 1.39
CA LEU C 188 11.49 2.57 0.53
C LEU C 188 12.04 3.85 -0.10
N ALA C 189 12.79 4.63 0.70
CA ALA C 189 13.45 5.85 0.19
C ALA C 189 14.40 5.54 -1.00
N GLU C 190 15.24 4.52 -0.92
CA GLU C 190 16.04 4.08 -2.09
C GLU C 190 15.18 3.66 -3.30
N MET C 191 14.13 2.87 -3.03
CA MET C 191 13.23 2.45 -4.11
C MET C 191 12.63 3.63 -4.84
N GLU C 192 12.15 4.62 -4.09
CA GLU C 192 11.43 5.73 -4.67
C GLU C 192 12.42 6.54 -5.50
N PHE C 193 13.60 6.79 -4.92
CA PHE C 193 14.61 7.58 -5.55
C PHE C 193 15.12 6.91 -6.86
N ALA C 194 15.28 5.58 -6.84
CA ALA C 194 15.76 4.84 -8.02
C ALA C 194 14.70 4.99 -9.10
N GLY C 195 13.43 4.92 -8.72
CA GLY C 195 12.32 5.01 -9.71
C GLY C 195 12.29 3.83 -10.68
N VAL C 196 11.35 3.83 -11.61
CA VAL C 196 11.17 2.75 -12.53
C VAL C 196 11.19 3.41 -13.92
N LYS C 197 11.96 2.83 -14.83
CA LYS C 197 12.06 3.35 -16.18
C LYS C 197 10.83 3.02 -17.00
N VAL C 198 10.33 3.99 -17.75
CA VAL C 198 9.14 3.86 -18.62
C VAL C 198 9.47 4.00 -20.11
N ASP C 199 9.05 3.05 -20.93
CA ASP C 199 9.19 3.17 -22.38
C ASP C 199 8.08 4.08 -22.93
N THR C 200 8.38 5.38 -22.99
CA THR C 200 7.39 6.37 -23.41
C THR C 200 6.87 6.23 -24.85
N LYS C 201 7.73 5.87 -25.82
CA LYS C 201 7.24 5.59 -27.20
C LYS C 201 6.29 4.41 -27.19
N ARG C 202 6.59 3.37 -26.41
CA ARG C 202 5.63 2.25 -26.37
C ARG C 202 4.29 2.66 -25.79
N LEU C 203 4.33 3.48 -24.75
CA LEU C 203 3.12 4.06 -24.18
C LEU C 203 2.36 4.94 -25.21
N GLU C 204 3.07 5.82 -25.92
CA GLU C 204 2.43 6.63 -26.96
C GLU C 204 1.77 5.82 -28.08
N GLN C 205 2.40 4.72 -28.51
CA GLN C 205 1.79 3.83 -29.50
C GLN C 205 0.56 3.07 -28.99
N MET C 206 0.63 2.58 -27.75
CA MET C 206 -0.55 1.97 -27.13
C MET C 206 -1.66 2.98 -27.01
N GLY C 207 -1.32 4.22 -26.70
CA GLY C 207 -2.30 5.27 -26.63
C GLY C 207 -3.00 5.51 -27.95
N LYS C 208 -2.26 5.35 -29.04
CA LYS C 208 -2.77 5.66 -30.37
C LYS C 208 -3.75 4.58 -30.76
N GLU C 209 -3.34 3.32 -30.54
CA GLU C 209 -4.19 2.17 -30.76
C GLU C 209 -5.50 2.28 -29.98
N LEU C 210 -5.41 2.58 -28.67
CA LEU C 210 -6.61 2.78 -27.84
C LEU C 210 -7.57 3.86 -28.31
N ALA C 211 -7.05 5.01 -28.75
CA ALA C 211 -7.87 6.13 -29.26
C ALA C 211 -8.69 5.71 -30.48
N GLU C 212 -8.15 4.75 -31.22
CA GLU C 212 -8.79 4.19 -32.41
C GLU C 212 -9.92 3.23 -32.00
N GLN C 213 -9.63 2.29 -31.09
CA GLN C 213 -10.64 1.36 -30.58
C GLN C 213 -11.82 2.07 -29.89
N LEU C 214 -11.47 3.04 -29.03
CA LEU C 214 -12.41 3.87 -28.32
C LEU C 214 -13.35 4.58 -29.28
N GLY C 215 -12.80 5.04 -30.41
CA GLY C 215 -13.58 5.68 -31.47
C GLY C 215 -14.61 4.77 -32.11
N THR C 216 -14.21 3.53 -32.38
CA THR C 216 -15.06 2.54 -33.00
C THR C 216 -16.16 2.12 -32.02
N VAL C 217 -15.79 1.90 -30.76
CA VAL C 217 -16.77 1.50 -29.73
C VAL C 217 -17.74 2.65 -29.41
N GLU C 218 -17.23 3.89 -29.36
CA GLU C 218 -18.06 5.08 -29.15
C GLU C 218 -19.08 5.11 -30.26
N GLN C 219 -18.62 5.04 -31.51
CA GLN C 219 -19.52 5.10 -32.67
C GLN C 219 -20.61 4.03 -32.56
N ARG C 220 -20.20 2.80 -32.25
CA ARG C 220 -21.11 1.69 -32.06
C ARG C 220 -22.17 2.01 -31.01
N ILE C 221 -21.74 2.52 -29.85
CA ILE C 221 -22.63 2.87 -28.75
C ILE C 221 -23.67 3.92 -29.17
N TYR C 222 -23.26 4.90 -29.96
CA TYR C 222 -24.20 5.91 -30.43
C TYR C 222 -25.22 5.29 -31.40
N GLU C 223 -24.76 4.40 -32.29
CA GLU C 223 -25.62 3.70 -33.25
C GLU C 223 -26.71 2.95 -32.50
N LEU C 224 -26.30 2.18 -31.48
CA LEU C 224 -27.20 1.36 -30.67
C LEU C 224 -28.13 2.15 -29.75
N ALA C 225 -27.77 3.39 -29.43
CA ALA C 225 -28.59 4.26 -28.59
C ALA C 225 -29.44 5.17 -29.43
N GLY C 226 -29.19 5.17 -30.74
CA GLY C 226 -29.69 6.18 -31.65
C GLY C 226 -29.60 7.60 -31.09
N GLN C 227 -28.41 7.99 -30.58
CA GLN C 227 -28.20 9.29 -29.89
C GLN C 227 -26.70 9.54 -29.59
N GLU C 228 -26.31 10.82 -29.48
CA GLU C 228 -25.03 11.17 -28.88
C GLU C 228 -25.20 11.48 -27.39
N PHE C 229 -24.32 10.93 -26.55
CA PHE C 229 -24.34 11.25 -25.11
C PHE C 229 -22.96 11.02 -24.48
N ASN C 230 -22.78 11.52 -23.26
CA ASN C 230 -21.52 11.32 -22.51
C ASN C 230 -21.52 10.00 -21.75
N ILE C 231 -20.84 9.03 -22.34
CA ILE C 231 -20.74 7.67 -21.79
C ILE C 231 -20.08 7.67 -20.41
N ASN C 232 -19.13 8.59 -20.21
CA ASN C 232 -18.42 8.75 -18.93
C ASN C 232 -19.26 9.40 -17.84
N SER C 233 -20.49 9.78 -18.18
CA SER C 233 -21.40 10.37 -17.21
C SER C 233 -22.45 9.36 -16.71
N PRO C 234 -22.30 8.85 -15.46
CA PRO C 234 -23.30 7.87 -14.99
C PRO C 234 -24.76 8.37 -15.00
N LYS C 235 -24.95 9.68 -15.03
CA LYS C 235 -26.28 10.26 -15.15
C LYS C 235 -26.89 10.14 -16.55
N GLN C 236 -26.20 10.68 -17.55
CA GLN C 236 -26.61 10.54 -18.95
C GLN C 236 -26.78 9.09 -19.39
N LEU C 237 -25.87 8.23 -18.93
CA LEU C 237 -25.92 6.82 -19.24
C LEU C 237 -27.20 6.14 -18.70
N GLY C 238 -27.52 6.39 -17.43
CA GLY C 238 -28.72 5.82 -16.81
C GLY C 238 -30.01 6.25 -17.51
N VAL C 239 -30.02 7.46 -18.07
CA VAL C 239 -31.15 7.94 -18.88
C VAL C 239 -31.27 7.12 -20.16
N ILE C 240 -30.13 6.87 -20.81
CA ILE C 240 -30.12 6.10 -22.04
C ILE C 240 -30.60 4.67 -21.80
N LEU C 241 -30.20 4.06 -20.68
CA LEU C 241 -30.44 2.63 -20.48
C LEU C 241 -31.83 2.34 -19.93
N PHE C 242 -32.20 3.09 -18.91
CA PHE C 242 -33.41 2.79 -18.14
C PHE C 242 -34.62 3.59 -18.58
N GLU C 243 -34.40 4.60 -19.42
CA GLU C 243 -35.47 5.43 -19.93
C GLU C 243 -35.66 5.29 -21.43
N LYS C 244 -34.66 5.66 -22.23
CA LYS C 244 -34.82 5.57 -23.67
C LYS C 244 -34.93 4.12 -24.19
N LEU C 245 -34.12 3.24 -23.62
CA LEU C 245 -34.07 1.84 -24.05
C LEU C 245 -34.93 0.91 -23.20
N GLN C 246 -35.48 1.41 -22.11
CA GLN C 246 -36.46 0.66 -21.31
C GLN C 246 -35.88 -0.57 -20.61
N LEU C 247 -34.58 -0.55 -20.31
CA LEU C 247 -33.96 -1.74 -19.71
C LEU C 247 -34.46 -1.91 -18.27
N PRO C 248 -34.50 -3.15 -17.77
CA PRO C 248 -35.00 -3.33 -16.40
C PRO C 248 -34.15 -2.60 -15.37
N VAL C 249 -34.79 -2.07 -14.34
CA VAL C 249 -34.08 -1.46 -13.23
C VAL C 249 -33.97 -2.51 -12.13
N LEU C 250 -32.78 -3.09 -11.99
CA LEU C 250 -32.57 -4.11 -10.95
C LEU C 250 -31.96 -3.52 -9.66
N LYS C 251 -31.25 -2.40 -9.79
CA LYS C 251 -30.68 -1.67 -8.66
C LYS C 251 -30.25 -0.28 -9.14
N GLY C 256 -29.77 8.26 -8.10
CA GLY C 256 -30.80 7.87 -9.08
C GLY C 256 -30.72 6.40 -9.55
N TYR C 257 -30.47 6.21 -10.85
CA TYR C 257 -30.19 4.88 -11.40
C TYR C 257 -28.73 4.50 -11.17
N SER C 258 -28.49 3.22 -10.93
CA SER C 258 -27.12 2.71 -10.80
C SER C 258 -26.64 2.05 -12.11
N THR C 259 -25.52 2.53 -12.63
CA THR C 259 -24.90 1.87 -13.78
C THR C 259 -23.55 1.21 -13.43
N SER C 260 -23.44 0.73 -12.20
CA SER C 260 -22.21 0.06 -11.76
C SER C 260 -21.97 -1.18 -12.61
N ALA C 261 -20.79 -1.75 -12.46
CA ALA C 261 -20.39 -2.95 -13.22
C ALA C 261 -21.26 -4.20 -12.97
N ASP C 262 -21.56 -4.46 -11.70
CA ASP C 262 -22.35 -5.61 -11.28
C ASP C 262 -23.71 -5.58 -11.96
N VAL C 263 -24.28 -4.39 -12.02
CA VAL C 263 -25.57 -4.12 -12.61
C VAL C 263 -25.57 -4.31 -14.11
N LEU C 264 -24.50 -3.89 -14.77
CA LEU C 264 -24.46 -3.93 -16.23
C LEU C 264 -24.26 -5.33 -16.76
N GLU C 265 -23.60 -6.17 -15.97
CA GLU C 265 -23.36 -7.56 -16.36
C GLU C 265 -24.66 -8.35 -16.34
N LYS C 266 -25.45 -8.17 -15.27
CA LYS C 266 -26.81 -8.76 -15.23
C LYS C 266 -27.70 -8.25 -16.38
N LEU C 267 -27.45 -7.03 -16.84
CA LEU C 267 -28.22 -6.40 -17.92
C LEU C 267 -27.73 -6.81 -19.31
N ALA C 268 -26.54 -7.37 -19.39
CA ALA C 268 -25.93 -7.58 -20.70
C ALA C 268 -26.80 -8.38 -21.71
N PRO C 269 -27.55 -9.40 -21.25
CA PRO C 269 -28.36 -10.19 -22.20
C PRO C 269 -29.50 -9.43 -22.86
N TYR C 270 -30.07 -8.41 -22.21
CA TYR C 270 -31.19 -7.63 -22.78
C TYR C 270 -30.86 -6.73 -23.94
N HIS C 271 -29.59 -6.39 -24.16
CA HIS C 271 -29.29 -5.45 -25.23
C HIS C 271 -27.81 -5.39 -25.56
N GLU C 272 -27.52 -5.40 -26.86
CA GLU C 272 -26.15 -5.29 -27.39
C GLU C 272 -25.36 -4.18 -26.71
N ILE C 273 -26.01 -3.03 -26.50
CA ILE C 273 -25.38 -1.83 -25.97
C ILE C 273 -24.62 -2.06 -24.64
N VAL C 274 -25.05 -2.99 -23.80
CA VAL C 274 -24.48 -3.06 -22.47
C VAL C 274 -23.00 -3.47 -22.52
N GLU C 275 -22.69 -4.52 -23.30
CA GLU C 275 -21.33 -5.05 -23.34
C GLU C 275 -20.41 -4.03 -23.98
N ASN C 276 -20.87 -3.37 -25.03
CA ASN C 276 -20.14 -2.24 -25.60
C ASN C 276 -19.81 -1.14 -24.59
N ILE C 277 -20.76 -0.77 -23.73
CA ILE C 277 -20.52 0.21 -22.70
C ILE C 277 -19.45 -0.26 -21.69
N LEU C 278 -19.46 -1.54 -21.35
CA LEU C 278 -18.49 -2.04 -20.36
C LEU C 278 -17.09 -2.07 -20.94
N HIS C 279 -17.02 -2.37 -22.23
CA HIS C 279 -15.79 -2.37 -22.98
C HIS C 279 -15.32 -0.94 -23.13
N TYR C 280 -16.20 -0.01 -23.45
CA TYR C 280 -15.85 1.41 -23.46
C TYR C 280 -15.20 1.90 -22.14
N ARG C 281 -15.77 1.52 -21.02
CA ARG C 281 -15.30 2.10 -19.79
C ARG C 281 -13.92 1.57 -19.43
N GLN C 282 -13.73 0.32 -19.74
CA GLN C 282 -12.48 -0.33 -19.45
CA GLN C 282 -12.48 -0.33 -19.45
C GLN C 282 -11.32 0.29 -20.27
N LEU C 283 -11.53 0.41 -21.58
CA LEU C 283 -10.60 1.10 -22.45
C LEU C 283 -10.43 2.58 -22.11
N GLY C 284 -11.52 3.26 -21.79
CA GLY C 284 -11.45 4.66 -21.37
C GLY C 284 -10.61 4.85 -20.12
N LYS C 285 -10.62 3.85 -19.23
CA LYS C 285 -9.77 3.85 -18.06
C LYS C 285 -8.30 3.67 -18.42
N LEU C 286 -7.95 2.67 -19.23
CA LEU C 286 -6.56 2.48 -19.71
C LEU C 286 -6.05 3.78 -20.32
N GLN C 287 -6.93 4.41 -21.11
CA GLN C 287 -6.54 5.59 -21.85
C GLN C 287 -6.24 6.75 -20.90
N SER C 288 -7.18 7.07 -20.01
CA SER C 288 -7.04 8.32 -19.23
C SER C 288 -6.01 8.21 -18.12
N THR C 289 -5.89 7.03 -17.52
CA THR C 289 -5.11 6.88 -16.30
C THR C 289 -3.75 6.28 -16.56
N TYR C 290 -3.73 5.19 -17.34
CA TYR C 290 -2.52 4.44 -17.50
C TYR C 290 -1.71 4.81 -18.71
N ILE C 291 -2.32 5.55 -19.64
CA ILE C 291 -1.58 6.16 -20.71
C ILE C 291 -1.40 7.66 -20.40
N GLU C 292 -2.48 8.44 -20.50
CA GLU C 292 -2.38 9.87 -20.24
C GLU C 292 -1.83 10.20 -18.86
N GLY C 293 -2.38 9.57 -17.83
CA GLY C 293 -2.01 9.89 -16.44
C GLY C 293 -0.56 9.51 -16.16
N LEU C 294 -0.13 8.35 -16.63
CA LEU C 294 1.24 7.92 -16.47
C LEU C 294 2.21 8.88 -17.18
N LEU C 295 1.93 9.21 -18.43
CA LEU C 295 2.81 10.14 -19.16
C LEU C 295 2.95 11.48 -18.48
N LYS C 296 1.86 12.00 -17.89
CA LYS C 296 1.95 13.24 -17.08
C LYS C 296 2.98 13.14 -15.95
N VAL C 297 3.22 11.96 -15.42
CA VAL C 297 4.15 11.89 -14.29
C VAL C 297 5.54 11.33 -14.55
N VAL C 298 5.84 10.83 -15.75
CA VAL C 298 7.23 10.40 -15.99
C VAL C 298 8.16 11.63 -16.11
N ARG C 299 9.37 11.52 -15.58
CA ARG C 299 10.28 12.65 -15.71
C ARG C 299 10.75 12.79 -17.15
N PRO C 300 10.66 14.00 -17.70
CA PRO C 300 11.00 14.00 -19.12
C PRO C 300 12.47 13.80 -19.38
N ASP C 301 13.33 14.07 -18.39
CA ASP C 301 14.74 13.81 -18.60
C ASP C 301 15.08 12.32 -18.59
N THR C 302 14.84 11.67 -17.46
CA THR C 302 15.24 10.25 -17.31
C THR C 302 14.20 9.26 -17.79
N LYS C 303 13.03 9.75 -18.15
CA LYS C 303 11.90 8.90 -18.49
C LYS C 303 11.59 7.90 -17.37
N LYS C 304 11.88 8.25 -16.11
CA LYS C 304 11.48 7.41 -14.98
C LYS C 304 10.23 7.92 -14.26
N VAL C 305 9.50 7.03 -13.60
CA VAL C 305 8.52 7.45 -12.62
C VAL C 305 9.02 7.16 -11.21
N HIS C 306 8.68 8.05 -10.29
CA HIS C 306 9.17 7.94 -8.92
C HIS C 306 7.95 8.01 -8.02
N THR C 307 7.44 6.83 -7.67
CA THR C 307 6.29 6.76 -6.81
C THR C 307 6.64 7.33 -5.43
N ILE C 308 5.60 7.64 -4.66
CA ILE C 308 5.78 7.90 -3.26
C ILE C 308 5.00 6.82 -2.49
N PHE C 309 5.73 6.03 -1.70
CA PHE C 309 5.10 5.00 -0.88
C PHE C 309 4.60 5.59 0.45
N ASN C 310 3.30 5.54 0.71
CA ASN C 310 2.84 5.98 2.03
C ASN C 310 2.87 4.83 3.01
N GLN C 311 3.79 4.92 3.93
CA GLN C 311 4.05 3.86 4.88
C GLN C 311 3.15 4.01 6.12
N ALA C 312 2.42 5.13 6.25
CA ALA C 312 1.66 5.40 7.50
C ALA C 312 0.24 5.86 7.18
N LEU C 313 -0.43 5.16 6.28
CA LEU C 313 -1.78 5.47 5.89
C LEU C 313 -2.71 4.28 6.16
N THR C 314 -2.35 3.04 5.77
CA THR C 314 -3.39 1.99 5.79
C THR C 314 -3.68 1.51 7.20
N GLN C 315 -4.92 1.09 7.44
CA GLN C 315 -5.36 0.64 8.75
C GLN C 315 -4.86 -0.77 9.10
N THR C 316 -4.33 -1.48 8.12
CA THR C 316 -3.90 -2.86 8.33
C THR C 316 -2.38 -3.02 8.32
N GLY C 317 -1.65 -1.98 7.91
CA GLY C 317 -0.19 -2.02 7.92
C GLY C 317 0.44 -2.24 6.56
N ARG C 318 -0.38 -2.21 5.53
CA ARG C 318 0.07 -2.29 4.18
C ARG C 318 0.64 -0.93 3.80
N LEU C 319 1.37 -0.90 2.68
CA LEU C 319 1.79 0.35 2.06
C LEU C 319 0.68 0.82 1.13
N SER C 320 0.68 2.10 0.76
CA SER C 320 0.02 2.53 -0.43
C SER C 320 1.05 3.22 -1.31
N SER C 321 0.71 3.52 -2.56
CA SER C 321 1.64 4.10 -3.54
C SER C 321 0.84 5.15 -4.28
N THR C 322 1.48 6.30 -4.52
CA THR C 322 0.79 7.40 -5.22
C THR C 322 1.73 8.10 -6.17
N GLU C 323 1.13 8.62 -7.24
CA GLU C 323 1.73 9.67 -8.05
C GLU C 323 3.03 9.23 -8.75
N PRO C 324 2.98 8.12 -9.51
CA PRO C 324 1.78 7.34 -9.76
C PRO C 324 1.57 6.20 -8.73
N ASN C 325 0.37 5.63 -8.72
CA ASN C 325 0.11 4.38 -7.99
C ASN C 325 0.61 3.24 -8.90
N LEU C 326 1.67 2.59 -8.47
CA LEU C 326 2.27 1.47 -9.19
C LEU C 326 1.82 0.11 -8.63
N GLN C 327 0.91 0.14 -7.65
CA GLN C 327 0.33 -1.08 -7.09
C GLN C 327 -1.02 -1.39 -7.75
N ASN C 328 -1.42 -0.56 -8.71
CA ASN C 328 -2.64 -0.89 -9.42
C ASN C 328 -2.49 -0.84 -10.91
N ILE C 329 -1.33 -1.25 -11.41
CA ILE C 329 -1.13 -1.33 -12.87
C ILE C 329 -1.91 -2.55 -13.42
N PRO C 330 -2.64 -2.40 -14.55
CA PRO C 330 -3.47 -3.56 -14.99
C PRO C 330 -2.72 -4.85 -15.22
N ILE C 331 -3.40 -5.95 -14.97
CA ILE C 331 -2.93 -7.29 -15.19
C ILE C 331 -4.02 -8.31 -15.51
N ARG C 332 -5.25 -8.02 -15.09
CA ARG C 332 -6.31 -9.02 -15.13
C ARG C 332 -6.73 -9.34 -16.56
N LEU C 333 -6.94 -8.29 -17.32
CA LEU C 333 -7.38 -8.39 -18.73
C LEU C 333 -6.19 -8.14 -19.65
N GLU C 334 -6.12 -8.92 -20.72
CA GLU C 334 -4.97 -8.96 -21.61
C GLU C 334 -4.59 -7.60 -22.22
N GLU C 335 -5.60 -6.83 -22.63
CA GLU C 335 -5.34 -5.55 -23.29
C GLU C 335 -4.77 -4.51 -22.31
N GLY C 336 -5.25 -4.49 -21.07
CA GLY C 336 -4.67 -3.62 -20.07
C GLY C 336 -3.30 -4.13 -19.61
N ARG C 337 -3.15 -5.44 -19.52
CA ARG C 337 -1.91 -6.05 -19.08
C ARG C 337 -0.70 -5.58 -19.94
N LYS C 338 -0.95 -5.28 -21.21
CA LYS C 338 0.10 -4.83 -22.10
C LYS C 338 0.74 -3.52 -21.72
N ILE C 339 0.08 -2.74 -20.87
CA ILE C 339 0.67 -1.56 -20.25
C ILE C 339 1.99 -1.88 -19.57
N ARG C 340 2.08 -3.06 -18.97
CA ARG C 340 3.31 -3.51 -18.31
C ARG C 340 4.49 -3.67 -19.24
N GLN C 341 4.24 -3.69 -20.55
CA GLN C 341 5.33 -3.66 -21.49
C GLN C 341 6.08 -2.33 -21.42
N ALA C 342 5.42 -1.25 -20.96
CA ALA C 342 6.12 0.03 -20.93
C ALA C 342 7.04 0.19 -19.72
N PHE C 343 7.05 -0.78 -18.79
CA PHE C 343 7.93 -0.73 -17.62
C PHE C 343 9.11 -1.65 -17.86
N VAL C 344 10.27 -1.03 -18.00
CA VAL C 344 11.49 -1.66 -18.50
C VAL C 344 12.60 -1.45 -17.47
N PRO C 345 13.69 -2.24 -17.49
CA PRO C 345 14.79 -2.03 -16.58
C PRO C 345 15.49 -0.71 -16.90
N SER C 346 16.27 -0.18 -15.95
CA SER C 346 16.81 1.16 -16.10
C SER C 346 18.19 1.18 -16.80
N GLU C 347 18.77 -0.02 -17.03
CA GLU C 347 20.08 -0.13 -17.72
C GLU C 347 20.05 -1.13 -18.82
N SER C 348 20.94 -0.95 -19.80
CA SER C 348 21.17 -1.92 -20.88
C SER C 348 21.56 -3.28 -20.29
N ASP C 349 20.95 -4.35 -20.79
CA ASP C 349 21.31 -5.71 -20.34
C ASP C 349 20.88 -6.03 -18.88
N TRP C 350 19.93 -5.27 -18.34
CA TRP C 350 19.31 -5.59 -17.04
C TRP C 350 17.97 -6.24 -17.29
N LEU C 351 17.42 -6.94 -16.29
CA LEU C 351 16.08 -7.49 -16.47
C LEU C 351 15.20 -7.22 -15.23
N ILE C 352 13.89 -7.31 -15.41
CA ILE C 352 12.94 -7.23 -14.31
C ILE C 352 12.69 -8.61 -13.74
N PHE C 353 12.74 -8.71 -12.41
CA PHE C 353 12.54 -9.97 -11.68
C PHE C 353 11.41 -9.74 -10.68
N ALA C 354 10.39 -10.59 -10.69
CA ALA C 354 9.23 -10.45 -9.82
C ALA C 354 9.04 -11.73 -9.01
N ALA C 355 8.92 -11.63 -7.70
CA ALA C 355 8.65 -12.82 -6.90
C ALA C 355 7.43 -12.54 -6.05
N ASP C 356 6.59 -13.56 -5.82
CA ASP C 356 5.31 -13.32 -5.16
C ASP C 356 4.88 -14.49 -4.31
N TYR C 357 4.36 -14.17 -3.13
CA TYR C 357 3.82 -15.20 -2.26
C TYR C 357 2.60 -15.82 -2.90
N SER C 358 2.42 -17.11 -2.77
CA SER C 358 1.18 -17.70 -3.26
C SER C 358 0.26 -17.93 -2.04
N GLN C 359 -0.93 -17.33 -2.07
CA GLN C 359 -1.90 -17.38 -0.98
C GLN C 359 -1.33 -17.15 0.38
N ILE C 360 -0.62 -16.04 0.56
CA ILE C 360 -0.08 -15.73 1.88
C ILE C 360 -1.21 -15.52 2.94
N GLU C 361 -2.36 -14.99 2.53
CA GLU C 361 -3.42 -14.72 3.51
C GLU C 361 -4.02 -15.99 4.10
N LEU C 362 -4.42 -16.91 3.23
CA LEU C 362 -4.88 -18.21 3.66
C LEU C 362 -3.84 -18.98 4.42
N ARG C 363 -2.57 -18.85 4.04
CA ARG C 363 -1.49 -19.49 4.79
C ARG C 363 -1.35 -18.87 6.19
N VAL C 364 -1.40 -17.54 6.27
CA VAL C 364 -1.44 -16.90 7.60
C VAL C 364 -2.64 -17.39 8.40
N LEU C 365 -3.82 -17.49 7.76
CA LEU C 365 -5.02 -17.95 8.50
C LEU C 365 -4.79 -19.37 9.05
N ALA C 366 -4.23 -20.27 8.25
CA ALA C 366 -3.98 -21.63 8.71
C ALA C 366 -3.16 -21.62 10.00
N HIS C 367 -2.16 -20.76 10.03
CA HIS C 367 -1.22 -20.69 11.14
C HIS C 367 -1.87 -20.10 12.39
N ILE C 368 -2.61 -19.03 12.20
CA ILE C 368 -3.18 -18.24 13.29
C ILE C 368 -4.33 -19.03 13.99
N ALA C 369 -5.17 -19.66 13.17
CA ALA C 369 -6.30 -20.48 13.64
C ALA C 369 -5.85 -21.86 14.04
N GLU C 370 -4.68 -22.28 13.57
CA GLU C 370 -4.23 -23.67 13.77
C GLU C 370 -5.30 -24.67 13.38
N ASP C 371 -5.90 -24.51 12.22
CA ASP C 371 -6.95 -25.43 11.81
C ASP C 371 -6.23 -26.62 11.17
N ASP C 372 -6.44 -27.79 11.73
CA ASP C 372 -5.75 -29.00 11.27
C ASP C 372 -5.96 -29.26 9.78
N ASN C 373 -7.21 -29.14 9.29
CA ASN C 373 -7.56 -29.43 7.89
C ASN C 373 -6.86 -28.42 6.96
N LEU C 374 -6.92 -27.12 7.30
CA LEU C 374 -6.26 -26.08 6.50
C LEU C 374 -4.72 -26.23 6.50
N MET C 375 -4.12 -26.46 7.66
CA MET C 375 -2.67 -26.63 7.77
C MET C 375 -2.21 -27.84 6.94
N GLU C 376 -2.95 -28.95 7.01
CA GLU C 376 -2.62 -30.13 6.18
C GLU C 376 -2.70 -29.84 4.68
N ALA C 377 -3.69 -29.06 4.25
CA ALA C 377 -3.83 -28.76 2.83
C ALA C 377 -2.57 -28.08 2.32
N PHE C 378 -2.05 -27.14 3.11
CA PHE C 378 -0.89 -26.37 2.69
C PHE C 378 0.41 -27.21 2.79
N ARG C 379 0.48 -28.07 3.82
CA ARG C 379 1.58 -29.01 3.96
C ARG C 379 1.62 -29.95 2.75
N ARG C 380 0.46 -30.29 2.17
CA ARG C 380 0.40 -31.07 0.90
C ARG C 380 0.57 -30.23 -0.35
N ASP C 381 0.74 -28.94 -0.19
CA ASP C 381 0.71 -28.03 -1.32
C ASP C 381 -0.52 -28.23 -2.23
N LEU C 382 -1.68 -28.63 -1.69
CA LEU C 382 -2.91 -28.76 -2.54
C LEU C 382 -3.35 -27.43 -3.14
N ASP C 383 -4.12 -27.48 -4.22
CA ASP C 383 -4.82 -26.29 -4.72
C ASP C 383 -5.92 -26.04 -3.67
N ILE C 384 -5.74 -25.00 -2.86
CA ILE C 384 -6.63 -24.70 -1.76
C ILE C 384 -8.09 -24.48 -2.18
N HIS C 385 -8.32 -23.89 -3.35
CA HIS C 385 -9.70 -23.72 -3.78
C HIS C 385 -10.41 -25.00 -4.20
N THR C 386 -9.70 -25.89 -4.91
CA THR C 386 -10.23 -27.20 -5.23
C THR C 386 -10.54 -27.95 -3.95
N LYS C 387 -9.61 -27.90 -2.99
CA LYS C 387 -9.79 -28.63 -1.74
C LYS C 387 -10.99 -28.11 -0.92
N THR C 388 -11.19 -26.80 -0.92
CA THR C 388 -12.31 -26.24 -0.22
C THR C 388 -13.58 -26.71 -0.91
N ALA C 389 -13.59 -26.70 -2.24
CA ALA C 389 -14.74 -27.27 -2.97
C ALA C 389 -15.06 -28.72 -2.60
N MET C 390 -14.03 -29.59 -2.56
CA MET C 390 -14.21 -31.00 -2.18
C MET C 390 -14.84 -31.10 -0.81
N ASP C 391 -14.37 -30.28 0.14
CA ASP C 391 -14.90 -30.37 1.50
C ASP C 391 -16.31 -29.77 1.61
N ILE C 392 -16.55 -28.56 1.10
CA ILE C 392 -17.89 -27.98 1.29
C ILE C 392 -18.98 -28.63 0.41
N PHE C 393 -18.61 -29.18 -0.74
CA PHE C 393 -19.61 -29.84 -1.59
C PHE C 393 -19.56 -31.35 -1.51
N GLN C 394 -18.68 -31.89 -0.66
CA GLN C 394 -18.57 -33.34 -0.38
C GLN C 394 -18.38 -34.21 -1.62
N VAL C 395 -17.34 -33.93 -2.40
CA VAL C 395 -17.05 -34.70 -3.59
C VAL C 395 -15.56 -34.99 -3.59
N SER C 396 -15.15 -35.92 -4.45
CA SER C 396 -13.73 -36.26 -4.59
C SER C 396 -13.05 -35.25 -5.52
N GLU C 397 -11.72 -35.22 -5.52
CA GLU C 397 -11.01 -34.25 -6.34
C GLU C 397 -11.50 -34.22 -7.77
N ASP C 398 -11.61 -35.41 -8.37
CA ASP C 398 -11.94 -35.47 -9.79
CA ASP C 398 -11.95 -35.48 -9.79
C ASP C 398 -13.41 -35.12 -10.09
N GLU C 399 -14.27 -35.19 -9.08
CA GLU C 399 -15.64 -34.67 -9.24
C GLU C 399 -15.79 -33.14 -9.08
N VAL C 400 -14.71 -32.40 -8.77
CA VAL C 400 -14.84 -30.92 -8.63
C VAL C 400 -15.01 -30.29 -9.99
N THR C 401 -16.15 -29.68 -10.27
CA THR C 401 -16.32 -28.93 -11.53
C THR C 401 -15.74 -27.48 -11.44
N PRO C 402 -15.46 -26.83 -12.58
CA PRO C 402 -14.97 -25.44 -12.54
C PRO C 402 -15.89 -24.46 -11.81
N ASN C 403 -17.19 -24.68 -11.91
CA ASN C 403 -18.15 -23.81 -11.27
C ASN C 403 -18.02 -23.95 -9.77
N MET C 404 -17.81 -25.21 -9.32
CA MET C 404 -17.65 -25.53 -7.92
C MET C 404 -16.39 -24.87 -7.36
N ARG C 405 -15.27 -24.93 -8.11
CA ARG C 405 -14.04 -24.30 -7.71
C ARG C 405 -14.20 -22.77 -7.64
N ARG C 406 -14.91 -22.21 -8.60
CA ARG C 406 -15.19 -20.77 -8.64
C ARG C 406 -15.93 -20.31 -7.37
N GLN C 407 -16.92 -21.09 -6.97
CA GLN C 407 -17.70 -20.80 -5.80
C GLN C 407 -16.94 -21.02 -4.49
N ALA C 408 -16.09 -22.04 -4.43
CA ALA C 408 -15.28 -22.30 -3.22
C ALA C 408 -14.22 -21.23 -3.03
N LYS C 409 -13.66 -20.80 -4.15
CA LYS C 409 -12.73 -19.69 -4.15
C LYS C 409 -13.41 -18.43 -3.54
N ALA C 410 -14.63 -18.09 -3.97
CA ALA C 410 -15.36 -16.94 -3.41
C ALA C 410 -15.58 -17.10 -1.90
N VAL C 411 -15.92 -18.30 -1.47
CA VAL C 411 -15.98 -18.54 -0.04
C VAL C 411 -14.63 -18.24 0.65
N ASN C 412 -13.51 -18.72 0.07
CA ASN C 412 -12.18 -18.49 0.67
C ASN C 412 -11.85 -17.00 0.81
N PHE C 413 -12.11 -16.23 -0.26
CA PHE C 413 -11.99 -14.76 -0.21
C PHE C 413 -12.91 -14.20 0.90
N GLY C 414 -14.15 -14.70 0.97
CA GLY C 414 -15.10 -14.24 1.96
C GLY C 414 -14.57 -14.44 3.36
N ILE C 415 -14.08 -15.64 3.59
CA ILE C 415 -13.49 -16.03 4.86
C ILE C 415 -12.39 -15.06 5.30
N VAL C 416 -11.44 -14.73 4.43
CA VAL C 416 -10.40 -13.79 4.85
C VAL C 416 -10.89 -12.32 5.03
N TYR C 417 -11.89 -11.92 4.27
CA TYR C 417 -12.43 -10.58 4.38
C TYR C 417 -13.28 -10.41 5.63
N GLY C 418 -13.64 -11.52 6.29
CA GLY C 418 -14.67 -11.57 7.34
C GLY C 418 -16.03 -11.84 6.70
N ILE C 419 -16.50 -13.09 6.74
CA ILE C 419 -17.66 -13.51 5.91
C ILE C 419 -18.96 -13.07 6.51
N SER C 420 -19.95 -12.93 5.64
CA SER C 420 -21.31 -12.68 6.04
C SER C 420 -22.09 -13.27 4.89
N ASP C 421 -23.30 -13.73 5.18
CA ASP C 421 -24.12 -14.30 4.13
C ASP C 421 -24.48 -13.24 3.11
N TYR C 422 -24.72 -12.02 3.57
CA TYR C 422 -25.03 -10.93 2.62
C TYR C 422 -23.89 -10.65 1.64
N GLY C 423 -22.66 -10.54 2.13
CA GLY C 423 -21.53 -10.26 1.22
C GLY C 423 -21.20 -11.38 0.20
N LEU C 424 -21.28 -12.63 0.65
CA LEU C 424 -21.04 -13.79 -0.21
C LEU C 424 -22.21 -13.95 -1.22
N ALA C 425 -23.44 -13.75 -0.75
CA ALA C 425 -24.63 -13.72 -1.62
C ALA C 425 -24.49 -12.68 -2.72
N GLN C 426 -24.10 -11.46 -2.35
CA GLN C 426 -23.88 -10.42 -3.38
CA GLN C 426 -23.83 -10.38 -3.33
C GLN C 426 -22.73 -10.79 -4.31
N ASN C 427 -21.66 -11.33 -3.77
CA ASN C 427 -20.54 -11.70 -4.61
C ASN C 427 -20.93 -12.82 -5.57
N LEU C 428 -21.66 -13.83 -5.09
CA LEU C 428 -21.96 -14.98 -5.93
C LEU C 428 -23.29 -14.85 -6.72
N ASN C 429 -24.07 -13.78 -6.47
CA ASN C 429 -25.44 -13.64 -7.02
C ASN C 429 -26.31 -14.82 -6.70
N ILE C 430 -26.32 -15.22 -5.42
CA ILE C 430 -27.19 -16.27 -4.88
C ILE C 430 -28.01 -15.66 -3.73
N SER C 431 -28.84 -16.44 -3.08
CA SER C 431 -29.62 -15.89 -2.00
C SER C 431 -28.79 -15.96 -0.72
N ARG C 432 -29.24 -15.21 0.28
CA ARG C 432 -28.66 -15.17 1.59
C ARG C 432 -28.64 -16.56 2.20
N LYS C 433 -29.77 -17.25 2.08
CA LYS C 433 -29.93 -18.56 2.67
C LYS C 433 -28.96 -19.55 2.02
N GLU C 434 -28.79 -19.44 0.70
CA GLU C 434 -27.81 -20.24 -0.06
C GLU C 434 -26.37 -19.94 0.39
N ALA C 435 -26.05 -18.66 0.50
CA ALA C 435 -24.74 -18.26 0.96
C ALA C 435 -24.46 -18.74 2.39
N ALA C 436 -25.45 -18.62 3.29
CA ALA C 436 -25.33 -19.18 4.66
C ALA C 436 -25.10 -20.69 4.74
N GLU C 437 -25.75 -21.45 3.86
CA GLU C 437 -25.49 -22.91 3.74
CA GLU C 437 -25.49 -22.91 3.74
C GLU C 437 -24.02 -23.22 3.36
N PHE C 438 -23.43 -22.43 2.44
CA PHE C 438 -22.00 -22.59 2.07
C PHE C 438 -21.09 -22.28 3.28
N ILE C 439 -21.36 -21.15 3.94
CA ILE C 439 -20.59 -20.73 5.13
C ILE C 439 -20.67 -21.81 6.20
N GLU C 440 -21.87 -22.30 6.47
CA GLU C 440 -22.05 -23.42 7.43
C GLU C 440 -21.27 -24.67 7.01
N ARG C 441 -21.34 -25.09 5.75
CA ARG C 441 -20.52 -26.19 5.24
CA ARG C 441 -20.52 -26.20 5.29
C ARG C 441 -19.02 -25.90 5.44
N TYR C 442 -18.61 -24.65 5.13
CA TYR C 442 -17.19 -24.27 5.33
C TYR C 442 -16.74 -24.46 6.78
N PHE C 443 -17.50 -23.91 7.71
CA PHE C 443 -17.14 -24.05 9.12
C PHE C 443 -17.21 -25.50 9.64
N GLU C 444 -18.00 -26.36 9.01
CA GLU C 444 -18.01 -27.79 9.41
C GLU C 444 -16.72 -28.47 9.01
N SER C 445 -16.18 -28.10 7.84
CA SER C 445 -14.91 -28.64 7.32
C SER C 445 -13.65 -27.98 7.92
N PHE C 446 -13.74 -26.72 8.36
CA PHE C 446 -12.60 -26.04 9.02
C PHE C 446 -12.95 -25.47 10.40
N PRO C 447 -13.16 -26.37 11.39
CA PRO C 447 -13.69 -25.94 12.67
C PRO C 447 -12.70 -25.08 13.43
N GLY C 448 -11.40 -25.23 13.12
CA GLY C 448 -10.36 -24.34 13.69
C GLY C 448 -10.51 -22.87 13.25
N VAL C 449 -10.82 -22.65 11.97
CA VAL C 449 -11.12 -21.35 11.39
C VAL C 449 -12.39 -20.78 12.05
N LYS C 450 -13.41 -21.62 12.25
CA LYS C 450 -14.60 -21.17 13.00
C LYS C 450 -14.24 -20.71 14.45
N ARG C 451 -13.65 -21.60 15.22
CA ARG C 451 -13.12 -21.26 16.55
C ARG C 451 -12.35 -19.90 16.51
N TYR C 452 -11.43 -19.77 15.57
CA TYR C 452 -10.67 -18.54 15.42
C TYR C 452 -11.56 -17.29 15.19
N MET C 453 -12.50 -17.39 14.25
CA MET C 453 -13.35 -16.25 13.91
C MET C 453 -14.18 -15.83 15.15
N GLU C 454 -14.64 -16.80 15.92
CA GLU C 454 -15.38 -16.53 17.16
C GLU C 454 -14.46 -15.88 18.17
N ASN C 455 -13.28 -16.43 18.37
CA ASN C 455 -12.37 -15.94 19.38
C ASN C 455 -11.82 -14.52 19.13
N ILE C 456 -11.51 -14.22 17.88
CA ILE C 456 -10.94 -12.97 17.57
C ILE C 456 -12.00 -11.85 17.71
N VAL C 457 -13.27 -12.13 17.40
CA VAL C 457 -14.31 -11.14 17.65
C VAL C 457 -14.46 -10.92 19.19
N GLN C 458 -14.49 -12.01 19.99
CA GLN C 458 -14.63 -11.76 21.42
CA GLN C 458 -14.55 -11.90 21.45
C GLN C 458 -13.36 -11.12 22.00
N GLU C 459 -12.19 -11.39 21.43
CA GLU C 459 -10.99 -10.77 21.92
C GLU C 459 -10.95 -9.27 21.49
N ALA C 460 -11.54 -8.92 20.36
CA ALA C 460 -11.57 -7.53 19.94
C ALA C 460 -12.44 -6.70 20.92
N LYS C 461 -13.53 -7.33 21.40
CA LYS C 461 -14.47 -6.78 22.40
C LYS C 461 -13.76 -6.63 23.75
N GLN C 462 -13.07 -7.64 24.27
CA GLN C 462 -12.46 -7.47 25.59
C GLN C 462 -11.23 -6.54 25.62
N LYS C 463 -10.36 -6.61 24.60
CA LYS C 463 -9.16 -5.79 24.54
C LYS C 463 -9.41 -4.39 23.95
N GLY C 464 -10.40 -4.24 23.10
CA GLY C 464 -10.60 -2.97 22.38
C GLY C 464 -9.84 -2.88 21.04
N TYR C 465 -8.99 -3.87 20.74
CA TYR C 465 -8.16 -3.91 19.50
C TYR C 465 -7.78 -5.34 19.09
N VAL C 466 -7.20 -5.48 17.91
CA VAL C 466 -6.72 -6.79 17.46
C VAL C 466 -5.29 -6.55 17.01
N THR C 467 -4.46 -7.59 17.03
CA THR C 467 -3.04 -7.46 16.68
C THR C 467 -2.63 -8.44 15.60
N THR C 468 -1.55 -8.08 14.88
CA THR C 468 -0.94 -8.93 13.86
C THR C 468 0.23 -9.67 14.48
N LEU C 469 0.78 -10.61 13.72
CA LEU C 469 1.96 -11.39 14.11
C LEU C 469 3.13 -10.60 14.70
N LEU C 470 3.45 -9.47 14.11
CA LEU C 470 4.50 -8.66 14.67
C LEU C 470 3.98 -7.50 15.54
N HIS C 471 2.77 -7.65 16.12
CA HIS C 471 2.28 -6.76 17.19
C HIS C 471 1.79 -5.40 16.72
N ARG C 472 1.45 -5.32 15.44
CA ARG C 472 0.74 -4.17 14.93
C ARG C 472 -0.67 -4.22 15.55
N ARG C 473 -1.31 -3.09 15.65
CA ARG C 473 -2.55 -2.96 16.41
C ARG C 473 -3.54 -2.15 15.57
N ARG C 474 -4.81 -2.55 15.65
CA ARG C 474 -5.88 -1.74 15.13
C ARG C 474 -6.95 -1.71 16.20
N TYR C 475 -7.29 -0.51 16.69
CA TYR C 475 -8.40 -0.36 17.64
C TYR C 475 -9.75 -0.47 16.91
N LEU C 476 -10.70 -1.16 17.54
CA LEU C 476 -12.01 -1.41 16.92
C LEU C 476 -13.16 -0.96 17.89
N PRO C 477 -13.31 0.36 18.10
CA PRO C 477 -14.33 0.74 19.10
C PRO C 477 -15.76 0.46 18.65
N ASP C 478 -16.03 0.23 17.35
CA ASP C 478 -17.40 -0.01 16.90
C ASP C 478 -17.86 -1.42 17.12
N ILE C 479 -16.99 -2.27 17.70
CA ILE C 479 -17.29 -3.67 17.89
C ILE C 479 -18.43 -3.82 18.91
N THR C 480 -18.65 -2.78 19.71
CA THR C 480 -19.73 -2.77 20.71
C THR C 480 -20.90 -1.86 20.28
N SER C 481 -21.02 -1.56 19.00
CA SER C 481 -22.10 -0.68 18.56
C SER C 481 -23.46 -1.41 18.65
N ARG C 482 -24.47 -0.69 19.14
CA ARG C 482 -25.84 -1.20 19.08
C ARG C 482 -26.42 -1.17 17.69
N ASN C 483 -25.82 -0.39 16.78
CA ASN C 483 -26.15 -0.50 15.38
C ASN C 483 -25.56 -1.79 14.69
N PHE C 484 -26.43 -2.56 14.05
CA PHE C 484 -26.05 -3.85 13.41
C PHE C 484 -25.03 -3.69 12.27
N ASN C 485 -25.25 -2.74 11.37
CA ASN C 485 -24.33 -2.58 10.25
C ASN C 485 -22.92 -2.13 10.72
N VAL C 486 -22.87 -1.23 11.71
CA VAL C 486 -21.63 -0.69 12.20
C VAL C 486 -20.84 -1.78 12.95
N ARG C 487 -21.56 -2.56 13.72
CA ARG C 487 -20.96 -3.56 14.53
C ARG C 487 -20.43 -4.67 13.64
N SER C 488 -21.21 -5.06 12.63
CA SER C 488 -20.81 -6.11 11.68
C SER C 488 -19.53 -5.73 10.97
N PHE C 489 -19.45 -4.45 10.57
CA PHE C 489 -18.30 -3.95 9.82
C PHE C 489 -17.07 -4.12 10.71
N ALA C 490 -17.17 -3.76 12.01
CA ALA C 490 -16.03 -3.92 12.94
C ALA C 490 -15.67 -5.38 13.18
N GLU C 491 -16.67 -6.24 13.14
CA GLU C 491 -16.43 -7.64 13.36
C GLU C 491 -15.62 -8.24 12.17
N ARG C 492 -15.96 -7.82 10.96
CA ARG C 492 -15.21 -8.20 9.76
C ARG C 492 -13.78 -7.68 9.81
N MET C 493 -13.61 -6.42 10.18
CA MET C 493 -12.28 -5.87 10.48
C MET C 493 -11.54 -6.70 11.52
N ALA C 494 -12.24 -7.22 12.52
CA ALA C 494 -11.54 -7.98 13.53
C ALA C 494 -11.02 -9.28 12.97
N MET C 495 -11.78 -9.84 12.05
CA MET C 495 -11.45 -11.12 11.47
C MET C 495 -10.35 -10.99 10.38
N ASN C 496 -10.42 -9.90 9.60
CA ASN C 496 -9.52 -9.63 8.46
C ASN C 496 -8.19 -9.00 8.84
N THR C 497 -8.20 -8.10 9.84
CA THR C 497 -7.03 -7.26 10.08
C THR C 497 -5.81 -8.06 10.51
N PRO C 498 -6.00 -9.04 11.42
CA PRO C 498 -4.86 -9.90 11.76
C PRO C 498 -4.29 -10.68 10.56
N ILE C 499 -5.13 -10.99 9.58
CA ILE C 499 -4.68 -11.77 8.41
C ILE C 499 -3.96 -10.84 7.40
N GLN C 500 -4.68 -9.85 6.84
CA GLN C 500 -4.09 -8.85 5.93
C GLN C 500 -2.85 -8.15 6.55
N GLY C 501 -2.95 -7.80 7.84
CA GLY C 501 -1.87 -7.16 8.56
C GLY C 501 -0.68 -8.07 8.82
N SER C 502 -0.89 -9.32 9.22
CA SER C 502 0.26 -10.20 9.37
C SER C 502 1.00 -10.47 8.04
N ALA C 503 0.27 -10.55 6.94
CA ALA C 503 0.85 -10.76 5.63
C ALA C 503 1.68 -9.53 5.27
N ALA C 504 1.25 -8.35 5.77
CA ALA C 504 1.98 -7.11 5.52
C ALA C 504 3.25 -7.10 6.35
N ASP C 505 3.19 -7.51 7.62
CA ASP C 505 4.38 -7.63 8.44
C ASP C 505 5.41 -8.60 7.78
N ILE C 506 4.95 -9.72 7.23
CA ILE C 506 5.88 -10.71 6.68
C ILE C 506 6.62 -10.14 5.46
N ILE C 507 5.87 -9.54 4.54
CA ILE C 507 6.53 -9.02 3.35
C ILE C 507 7.48 -7.87 3.68
N LYS C 508 7.13 -7.03 4.66
CA LYS C 508 8.03 -5.93 5.07
C LYS C 508 9.34 -6.47 5.63
N LYS C 509 9.20 -7.54 6.39
CA LYS C 509 10.34 -8.18 6.93
C LYS C 509 11.21 -8.85 5.85
N ALA C 510 10.56 -9.49 4.88
CA ALA C 510 11.28 -10.04 3.73
C ALA C 510 12.06 -8.95 2.98
N MET C 511 11.46 -7.77 2.82
CA MET C 511 12.20 -6.68 2.17
C MET C 511 13.48 -6.30 2.93
N ILE C 512 13.38 -6.13 4.25
CA ILE C 512 14.53 -5.86 5.06
C ILE C 512 15.56 -6.98 4.90
N ASP C 513 15.15 -8.22 5.09
CA ASP C 513 16.06 -9.34 4.93
C ASP C 513 16.68 -9.35 3.54
N LEU C 514 15.88 -9.08 2.52
CA LEU C 514 16.38 -9.20 1.15
C LEU C 514 17.50 -8.16 0.88
N ASN C 515 17.26 -6.93 1.31
CA ASN C 515 18.16 -5.81 1.09
C ASN C 515 19.53 -6.07 1.83
N ALA C 516 19.47 -6.65 3.02
CA ALA C 516 20.66 -7.05 3.75
C ALA C 516 21.44 -8.12 3.01
N ARG C 517 20.71 -9.07 2.38
CA ARG C 517 21.34 -10.13 1.65
C ARG C 517 21.97 -9.63 0.36
N LEU C 518 21.26 -8.81 -0.39
CA LEU C 518 21.82 -8.22 -1.62
C LEU C 518 23.13 -7.49 -1.38
N LYS C 519 23.16 -6.75 -0.28
CA LYS C 519 24.35 -6.00 0.10
C LYS C 519 25.47 -6.94 0.58
N GLU C 520 25.11 -7.94 1.37
CA GLU C 520 26.05 -8.96 1.82
C GLU C 520 26.64 -9.72 0.61
N GLU C 521 25.84 -9.90 -0.46
CA GLU C 521 26.34 -10.58 -1.66
C GLU C 521 26.95 -9.58 -2.66
N ARG C 522 26.86 -8.29 -2.34
CA ARG C 522 27.30 -7.23 -3.24
C ARG C 522 26.78 -7.45 -4.70
N LEU C 523 25.54 -7.91 -4.78
CA LEU C 523 24.78 -7.92 -6.03
C LEU C 523 24.38 -6.48 -6.38
N GLN C 524 24.22 -6.18 -7.68
CA GLN C 524 23.69 -4.89 -8.12
C GLN C 524 22.18 -4.85 -8.14
N ALA C 525 21.55 -6.00 -7.98
CA ALA C 525 20.11 -6.10 -7.92
C ALA C 525 19.59 -5.13 -6.88
N HIS C 526 18.41 -4.57 -7.13
CA HIS C 526 17.73 -3.76 -6.10
C HIS C 526 16.25 -3.71 -6.34
N LEU C 527 15.54 -3.53 -5.22
CA LEU C 527 14.10 -3.36 -5.21
C LEU C 527 13.61 -2.16 -5.99
N LEU C 528 12.54 -2.36 -6.77
CA LEU C 528 11.86 -1.27 -7.43
C LEU C 528 10.45 -1.00 -6.81
N LEU C 529 9.71 -2.08 -6.52
CA LEU C 529 8.31 -1.99 -6.16
C LEU C 529 7.95 -3.10 -5.24
N GLN C 530 6.98 -2.80 -4.38
CA GLN C 530 6.32 -3.81 -3.54
C GLN C 530 4.87 -3.73 -3.97
N VAL C 531 4.25 -4.87 -4.26
CA VAL C 531 2.79 -4.86 -4.52
C VAL C 531 2.06 -5.77 -3.54
N HIS C 532 2.04 -5.39 -2.27
CA HIS C 532 1.28 -6.13 -1.28
C HIS C 532 1.92 -7.44 -0.96
N ASP C 533 1.82 -8.40 -1.87
CA ASP C 533 2.39 -9.71 -1.61
C ASP C 533 3.45 -10.12 -2.64
N GLU C 534 3.97 -9.13 -3.34
CA GLU C 534 5.06 -9.34 -4.28
C GLU C 534 6.11 -8.25 -4.28
N LEU C 535 7.34 -8.65 -4.65
CA LEU C 535 8.48 -7.76 -4.78
C LEU C 535 8.97 -7.79 -6.22
N ILE C 536 9.25 -6.61 -6.78
CA ILE C 536 9.75 -6.47 -8.14
C ILE C 536 11.11 -5.78 -8.01
N LEU C 537 12.12 -6.38 -8.64
CA LEU C 537 13.51 -5.94 -8.65
C LEU C 537 13.98 -5.76 -10.10
N GLU C 538 15.03 -4.98 -10.34
CA GLU C 538 15.81 -5.06 -11.58
C GLU C 538 17.26 -5.42 -11.22
N ALA C 539 17.92 -6.11 -12.15
CA ALA C 539 19.29 -6.56 -11.93
C ALA C 539 19.93 -6.86 -13.30
N PRO C 540 21.26 -6.88 -13.34
CA PRO C 540 21.93 -7.32 -14.60
C PRO C 540 21.42 -8.70 -14.97
N LYS C 541 21.38 -8.97 -16.28
CA LYS C 541 21.04 -10.31 -16.79
C LYS C 541 21.85 -11.42 -16.12
N GLU C 542 23.12 -11.13 -15.84
CA GLU C 542 24.04 -12.07 -15.19
C GLU C 542 23.73 -12.38 -13.76
N GLU C 543 22.87 -11.58 -13.12
CA GLU C 543 22.49 -11.90 -11.73
C GLU C 543 21.24 -12.76 -11.58
N MET C 544 20.53 -12.96 -12.69
CA MET C 544 19.25 -13.65 -12.69
C MET C 544 19.31 -14.99 -11.97
N GLU C 545 20.29 -15.81 -12.33
CA GLU C 545 20.29 -17.15 -11.78
C GLU C 545 20.50 -17.13 -10.29
N ARG C 546 21.32 -16.19 -9.79
CA ARG C 546 21.46 -16.06 -8.35
C ARG C 546 20.17 -15.58 -7.70
N LEU C 547 19.49 -14.65 -8.36
CA LEU C 547 18.21 -14.12 -7.84
C LEU C 547 17.13 -15.19 -7.66
N CYS C 548 17.04 -16.13 -8.62
CA CYS C 548 16.05 -17.20 -8.61
C CYS C 548 16.13 -18.04 -7.38
N ARG C 549 17.34 -18.16 -6.83
CA ARG C 549 17.55 -18.89 -5.60
C ARG C 549 17.50 -18.00 -4.37
N LEU C 550 18.05 -16.80 -4.46
CA LEU C 550 18.12 -15.97 -3.29
C LEU C 550 16.76 -15.32 -2.90
N VAL C 551 16.08 -14.72 -3.88
CA VAL C 551 14.84 -14.01 -3.55
C VAL C 551 13.79 -14.94 -2.86
N PRO C 552 13.37 -16.03 -3.53
CA PRO C 552 12.37 -16.92 -2.90
C PRO C 552 12.78 -17.37 -1.50
N GLU C 553 14.00 -17.82 -1.38
CA GLU C 553 14.49 -18.25 -0.10
C GLU C 553 14.36 -17.17 1.01
N VAL C 554 14.76 -15.94 0.73
CA VAL C 554 14.57 -14.86 1.71
C VAL C 554 13.06 -14.65 2.04
N MET C 555 12.23 -14.61 1.01
CA MET C 555 10.82 -14.43 1.20
C MET C 555 10.20 -15.59 1.99
N GLU C 556 10.54 -16.82 1.62
CA GLU C 556 10.06 -18.02 2.36
C GLU C 556 10.50 -18.08 3.81
N GLN C 557 11.65 -17.50 4.11
CA GLN C 557 12.23 -17.59 5.43
C GLN C 557 11.98 -16.38 6.31
N ALA C 558 11.34 -15.35 5.80
CA ALA C 558 11.07 -14.13 6.55
C ALA C 558 10.53 -14.41 7.96
N VAL C 559 9.53 -15.28 8.08
CA VAL C 559 9.09 -15.74 9.38
C VAL C 559 8.91 -17.27 9.34
N THR C 560 8.80 -17.89 10.51
CA THR C 560 8.51 -19.31 10.59
C THR C 560 7.05 -19.51 10.99
N LEU C 561 6.24 -20.03 10.08
CA LEU C 561 4.86 -20.34 10.39
C LEU C 561 4.67 -21.86 10.54
N ARG C 562 3.47 -22.28 10.95
CA ARG C 562 3.16 -23.71 11.04
C ARG C 562 2.93 -24.36 9.68
N VAL C 563 2.79 -23.53 8.65
CA VAL C 563 2.75 -23.98 7.28
C VAL C 563 3.90 -23.26 6.55
N PRO C 564 4.39 -23.86 5.44
CA PRO C 564 5.39 -23.18 4.64
C PRO C 564 4.85 -21.95 3.93
N LEU C 565 5.70 -20.97 3.70
CA LEU C 565 5.40 -19.88 2.77
C LEU C 565 5.86 -20.30 1.35
N LYS C 566 5.02 -20.10 0.34
CA LYS C 566 5.41 -20.47 -1.01
C LYS C 566 5.56 -19.22 -1.85
N VAL C 567 6.59 -19.22 -2.72
CA VAL C 567 6.94 -18.05 -3.52
C VAL C 567 7.19 -18.49 -4.97
N ASP C 568 6.50 -17.88 -5.93
CA ASP C 568 6.81 -18.13 -7.33
C ASP C 568 7.58 -16.92 -7.82
N TYR C 569 8.34 -17.06 -8.90
CA TYR C 569 9.19 -15.96 -9.36
C TYR C 569 9.33 -16.07 -10.84
N HIS C 570 9.57 -14.94 -11.49
CA HIS C 570 9.64 -14.90 -12.94
C HIS C 570 10.51 -13.73 -13.32
N TYR C 571 11.04 -13.70 -14.53
CA TYR C 571 11.79 -12.53 -14.98
C TYR C 571 11.74 -12.40 -16.49
N GLY C 572 12.13 -11.24 -17.00
CA GLY C 572 12.04 -10.99 -18.45
C GLY C 572 12.44 -9.57 -18.73
N SER C 573 12.33 -9.16 -19.97
CA SER C 573 12.89 -7.89 -20.39
C SER C 573 12.02 -6.69 -20.05
N THR C 574 10.74 -6.92 -19.71
CA THR C 574 9.84 -5.89 -19.25
C THR C 574 9.01 -6.48 -18.10
N TRP C 575 8.33 -5.61 -17.35
CA TRP C 575 7.42 -6.06 -16.30
C TRP C 575 6.41 -7.09 -16.84
N TYR C 576 5.88 -6.81 -18.03
CA TYR C 576 4.93 -7.70 -18.66
C TYR C 576 5.49 -9.11 -18.80
N ASP C 577 6.78 -9.24 -19.11
CA ASP C 577 7.37 -10.55 -19.41
C ASP C 577 7.77 -11.32 -18.16
N ALA C 578 7.91 -10.61 -17.05
CA ALA C 578 8.19 -11.25 -15.77
C ALA C 578 6.91 -11.88 -15.20
N LYS C 579 6.35 -12.83 -15.95
CA LYS C 579 5.06 -13.53 -15.70
C LYS C 579 5.23 -14.98 -16.09
CA CA D . -1.64 -10.91 -9.02
P1 POP E . -2.53 -12.62 -6.63
O1 POP E . -3.02 -14.04 -6.83
O2 POP E . -3.54 -11.70 -7.26
O3 POP E . -2.36 -12.33 -5.14
O POP E . -1.11 -12.48 -7.39
P2 POP E . 0.00 -13.65 -7.29
O4 POP E . 0.11 -14.07 -5.83
O5 POP E . 1.30 -13.13 -7.87
O6 POP E . -0.37 -14.86 -8.14
CA CA F . 0.70 -10.62 -6.29
CA CA G . 7.56 -23.57 8.58
CA CA H . 32.01 24.65 8.52
#